data_2P5Y
#
_entry.id   2P5Y
#
_cell.length_a   135.667
_cell.length_b   135.667
_cell.length_c   135.667
_cell.angle_alpha   90.000
_cell.angle_beta   90.000
_cell.angle_gamma   90.000
#
_symmetry.space_group_name_H-M   'P 41 3 2'
#
loop_
_entity.id
_entity.type
_entity.pdbx_description
1 polymer 'UDP-glucose 4-epimerase'
2 non-polymer NICOTINAMIDE-ADENINE-DINUCLEOTIDE
3 water water
#
_entity_poly.entity_id   1
_entity_poly.type   'polypeptide(L)'
_entity_poly.pdbx_seq_one_letter_code
;MRVLVTGGAGFIGSHIVEDLLARGLEVAVLDNLATGKRENVPKGVPFFRVDLRDKEGVERAFREFRPTHVSHQAAQASVK
VSVEDPVLDFEVNLLGGLNLLEACRQYGVEKLVFASTGGAIYGEVPEGERAEETWPPRPKSPYAASKAAFEHYLSVYGQS
YGLKWVSLRYGNVYGPRQDPHGEAGVVAIFAERVLKGLPVTLYARKTPGDEGCVRDYVYVGDVAEAHALALFSLEGIYNV
GTGEGHTTREVLMAVAEAAGKAPEVQPAPPRPGDLERSVLSPLKLMAHGWRPKVGFQEGIRLTVDHFRGAV
;
_entity_poly.pdbx_strand_id   A
#
loop_
_chem_comp.id
_chem_comp.type
_chem_comp.name
_chem_comp.formula
NAD non-polymer NICOTINAMIDE-ADENINE-DINUCLEOTIDE 'C21 H27 N7 O14 P2'
#
# COMPACT_ATOMS: atom_id res chain seq x y z
N MET A 1 9.46 16.88 14.95
CA MET A 1 8.32 16.47 14.08
C MET A 1 7.55 15.37 14.82
N ARG A 2 6.22 15.47 14.81
CA ARG A 2 5.37 14.51 15.50
C ARG A 2 4.44 13.91 14.45
N VAL A 3 4.66 12.64 14.10
CA VAL A 3 3.93 12.04 12.99
C VAL A 3 2.87 11.06 13.50
N LEU A 4 1.62 11.34 13.15
CA LEU A 4 0.54 10.37 13.38
C LEU A 4 0.36 9.50 12.12
N VAL A 5 0.52 8.18 12.29
CA VAL A 5 0.37 7.22 11.19
C VAL A 5 -0.97 6.50 11.34
N THR A 6 -1.95 6.87 10.52
CA THR A 6 -3.19 6.13 10.52
C THR A 6 -2.87 4.82 9.82
N GLY A 7 -3.51 3.74 10.25
CA GLY A 7 -3.23 2.41 9.74
C GLY A 7 -1.84 1.89 10.10
N GLY A 8 -1.23 2.49 11.12
CA GLY A 8 0.14 2.14 11.52
C GLY A 8 0.31 0.76 12.14
N ALA A 9 -0.80 0.09 12.47
CA ALA A 9 -0.73 -1.29 12.94
C ALA A 9 -0.79 -2.32 11.82
N GLY A 10 -0.97 -1.84 10.58
CA GLY A 10 -1.10 -2.69 9.39
C GLY A 10 0.24 -3.06 8.79
N PHE A 11 0.21 -3.65 7.60
CA PHE A 11 1.41 -4.15 6.93
C PHE A 11 2.39 -3.01 6.55
N ILE A 12 1.98 -2.15 5.63
CA ILE A 12 2.86 -1.03 5.20
C ILE A 12 3.05 -0.05 6.35
N GLY A 13 1.94 0.28 7.01
CA GLY A 13 1.95 1.16 8.18
C GLY A 13 2.96 0.82 9.26
N SER A 14 3.08 -0.47 9.62
CA SER A 14 4.05 -0.85 10.69
C SER A 14 5.52 -0.67 10.25
N HIS A 15 5.80 -0.91 8.97
CA HIS A 15 7.14 -0.67 8.42
C HIS A 15 7.46 0.83 8.39
N ILE A 16 6.46 1.65 8.05
CA ILE A 16 6.60 3.11 8.14
C ILE A 16 6.93 3.58 9.55
N VAL A 17 6.17 3.09 10.55
CA VAL A 17 6.41 3.45 11.95
C VAL A 17 7.85 3.15 12.40
N GLU A 18 8.34 1.96 12.08
CA GLU A 18 9.70 1.57 12.43
C GLU A 18 10.73 2.46 11.73
N ASP A 19 10.47 2.72 10.45
CA ASP A 19 11.37 3.58 9.68
C ASP A 19 11.45 4.97 10.29
N LEU A 20 10.30 5.53 10.63
CA LEU A 20 10.28 6.90 11.17
C LEU A 20 10.92 7.00 12.56
N LEU A 21 10.68 6.00 13.40
CA LEU A 21 11.30 5.97 14.73
C LEU A 21 12.83 6.01 14.65
N ALA A 22 13.37 5.38 13.61
CA ALA A 22 14.81 5.32 13.36
C ALA A 22 15.34 6.61 12.73
N ARG A 23 14.50 7.62 12.61
CA ARG A 23 14.93 8.90 12.07
C ARG A 23 14.72 10.01 13.11
N GLY A 24 14.60 9.61 14.37
CA GLY A 24 14.47 10.54 15.49
C GLY A 24 13.12 11.23 15.61
N LEU A 25 12.08 10.67 14.99
CA LEU A 25 10.76 11.30 15.02
C LEU A 25 9.93 10.76 16.15
N GLU A 26 9.03 11.60 16.67
CA GLU A 26 8.01 11.13 17.60
C GLU A 26 6.88 10.63 16.72
N VAL A 27 6.42 9.40 17.01
CA VAL A 27 5.44 8.72 16.17
C VAL A 27 4.29 8.17 17.04
N ALA A 28 3.06 8.28 16.53
CA ALA A 28 1.87 7.66 17.12
C ALA A 28 1.11 6.89 16.06
N VAL A 29 0.29 5.95 16.52
CA VAL A 29 -0.50 5.11 15.61
C VAL A 29 -1.98 5.29 15.92
N LEU A 30 -2.77 5.45 14.87
CA LEU A 30 -4.22 5.42 14.94
C LEU A 30 -4.69 4.26 14.07
N ASP A 31 -5.42 3.32 14.67
CA ASP A 31 -5.78 2.10 13.96
C ASP A 31 -6.94 1.44 14.69
N ASN A 32 -7.95 0.98 13.94
CA ASN A 32 -9.10 0.30 14.55
C ASN A 32 -8.90 -1.21 14.61
N LEU A 33 -7.74 -1.68 14.15
CA LEU A 33 -7.38 -3.11 14.14
C LEU A 33 -8.33 -3.98 13.31
N ALA A 34 -8.92 -3.41 12.27
CA ALA A 34 -9.77 -4.17 11.36
C ALA A 34 -8.94 -5.27 10.71
N THR A 35 -7.70 -4.92 10.33
CA THR A 35 -6.78 -5.90 9.74
C THR A 35 -5.40 -5.82 10.38
N GLY A 36 -5.07 -4.66 10.94
CA GLY A 36 -3.78 -4.49 11.63
C GLY A 36 -3.75 -5.26 12.95
N LYS A 37 -2.54 -5.39 13.50
CA LYS A 37 -2.31 -6.14 14.73
C LYS A 37 -1.67 -5.27 15.79
N ARG A 38 -2.18 -5.35 17.01
CA ARG A 38 -1.63 -4.56 18.11
C ARG A 38 -0.13 -4.83 18.27
N GLU A 39 0.28 -6.06 17.95
CA GLU A 39 1.66 -6.50 18.12
C GLU A 39 2.62 -5.83 17.14
N ASN A 40 2.07 -5.24 16.07
CA ASN A 40 2.86 -4.53 15.05
C ASN A 40 3.33 -3.14 15.50
N VAL A 41 2.75 -2.65 16.60
CA VAL A 41 3.05 -1.32 17.12
C VAL A 41 4.11 -1.46 18.22
N PRO A 42 5.31 -0.87 18.01
CA PRO A 42 6.41 -1.02 18.98
C PRO A 42 6.07 -0.45 20.35
N LYS A 43 6.75 -0.97 21.37
CA LYS A 43 6.61 -0.49 22.74
C LYS A 43 6.95 1.00 22.80
N GLY A 44 6.16 1.76 23.54
CA GLY A 44 6.40 3.18 23.73
C GLY A 44 5.77 4.09 22.69
N VAL A 45 5.18 3.51 21.64
CA VAL A 45 4.50 4.30 20.62
C VAL A 45 3.04 4.49 21.02
N PRO A 46 2.60 5.76 21.18
CA PRO A 46 1.21 6.01 21.56
C PRO A 46 0.25 5.37 20.55
N PHE A 47 -0.74 4.64 21.04
CA PHE A 47 -1.65 3.91 20.16
C PHE A 47 -3.09 4.31 20.44
N PHE A 48 -3.76 4.78 19.40
CA PHE A 48 -5.13 5.22 19.50
C PHE A 48 -5.96 4.20 18.74
N ARG A 49 -6.67 3.37 19.49
CA ARG A 49 -7.56 2.37 18.89
C ARG A 49 -8.87 3.06 18.52
N VAL A 50 -8.88 3.64 17.32
CA VAL A 50 -9.90 4.56 16.86
C VAL A 50 -10.27 4.23 15.41
N ASP A 51 -11.55 4.30 15.09
CA ASP A 51 -12.00 4.16 13.71
C ASP A 51 -12.06 5.57 13.12
N LEU A 52 -11.49 5.76 11.93
CA LEU A 52 -11.49 7.09 11.30
C LEU A 52 -12.91 7.61 11.06
N ARG A 53 -13.87 6.71 11.03
CA ARG A 53 -15.28 7.10 10.87
C ARG A 53 -15.89 7.71 12.14
N ASP A 54 -15.14 7.62 13.25
CA ASP A 54 -15.57 8.15 14.56
C ASP A 54 -14.88 9.50 14.76
N LYS A 55 -15.57 10.57 14.38
CA LYS A 55 -14.99 11.93 14.42
C LYS A 55 -14.47 12.28 15.81
N GLU A 56 -15.26 11.97 16.84
CA GLU A 56 -14.87 12.31 18.22
C GLU A 56 -13.58 11.58 18.64
N GLY A 57 -13.41 10.34 18.21
CA GLY A 57 -12.18 9.59 18.50
C GLY A 57 -10.98 10.15 17.75
N VAL A 58 -11.19 10.54 16.50
CA VAL A 58 -10.10 11.17 15.72
C VAL A 58 -9.65 12.45 16.42
N GLU A 59 -10.61 13.28 16.79
CA GLU A 59 -10.36 14.50 17.56
C GLU A 59 -9.56 14.24 18.83
N ARG A 60 -9.94 13.20 19.57
CA ARG A 60 -9.20 12.83 20.79
C ARG A 60 -7.72 12.52 20.49
N ALA A 61 -7.47 11.75 19.43
CA ALA A 61 -6.10 11.37 19.06
C ALA A 61 -5.28 12.62 18.72
N PHE A 62 -5.87 13.55 17.97
CA PHE A 62 -5.21 14.80 17.62
C PHE A 62 -4.91 15.64 18.86
N ARG A 63 -5.89 15.72 19.77
CA ARG A 63 -5.73 16.48 21.01
C ARG A 63 -4.64 15.88 21.91
N GLU A 64 -4.58 14.56 22.00
CA GLU A 64 -3.65 13.90 22.90
C GLU A 64 -2.26 13.87 22.34
N PHE A 65 -2.12 13.64 21.04
CA PHE A 65 -0.81 13.51 20.43
C PHE A 65 -0.23 14.80 19.83
N ARG A 66 -1.10 15.70 19.36
CA ARG A 66 -0.68 16.95 18.73
C ARG A 66 0.28 16.73 17.55
N PRO A 67 -0.20 16.05 16.48
CA PRO A 67 0.71 15.79 15.36
C PRO A 67 1.07 17.05 14.57
N THR A 68 2.28 17.07 14.01
CA THR A 68 2.66 18.10 13.06
C THR A 68 2.45 17.61 11.61
N HIS A 69 2.49 16.28 11.45
CA HIS A 69 2.42 15.64 10.14
C HIS A 69 1.56 14.41 10.29
N VAL A 70 0.86 14.05 9.22
CA VAL A 70 0.00 12.87 9.22
C VAL A 70 0.36 11.97 8.06
N SER A 71 0.54 10.69 8.37
CA SER A 71 0.74 9.69 7.35
C SER A 71 -0.53 8.87 7.31
N HIS A 72 -1.21 8.88 6.16
CA HIS A 72 -2.51 8.26 6.06
C HIS A 72 -2.43 6.93 5.30
N GLN A 73 -2.21 5.86 6.06
CA GLN A 73 -2.14 4.50 5.51
C GLN A 73 -3.45 3.71 5.76
N ALA A 74 -4.32 4.21 6.63
CA ALA A 74 -5.54 3.43 6.96
C ALA A 74 -6.51 3.41 5.80
N ALA A 75 -7.04 2.24 5.49
CA ALA A 75 -7.95 2.11 4.38
C ALA A 75 -8.63 0.76 4.40
N GLN A 76 -9.74 0.68 3.68
CA GLN A 76 -10.25 -0.60 3.19
C GLN A 76 -9.37 -0.86 1.95
N ALA A 77 -8.49 -1.84 2.08
CA ALA A 77 -7.42 -2.05 1.12
C ALA A 77 -7.54 -3.43 0.53
N SER A 78 -8.71 -3.73 -0.04
CA SER A 78 -8.89 -4.94 -0.80
C SER A 78 -9.80 -4.55 -1.93
N VAL A 79 -9.33 -4.73 -3.16
CA VAL A 79 -10.13 -4.44 -4.31
C VAL A 79 -11.42 -5.31 -4.31
N LYS A 80 -11.22 -6.60 -4.06
CA LYS A 80 -12.32 -7.58 -3.95
C LYS A 80 -13.42 -7.14 -2.98
N VAL A 81 -13.03 -6.84 -1.75
CA VAL A 81 -13.98 -6.36 -0.74
C VAL A 81 -14.73 -5.13 -1.25
N SER A 82 -14.05 -4.21 -1.94
CA SER A 82 -14.72 -2.98 -2.41
C SER A 82 -15.83 -3.26 -3.43
N VAL A 83 -15.62 -4.27 -4.28
CA VAL A 83 -16.61 -4.64 -5.27
C VAL A 83 -17.85 -5.28 -4.60
N GLU A 84 -17.60 -6.14 -3.62
CA GLU A 84 -18.69 -6.78 -2.88
C GLU A 84 -19.27 -5.89 -1.77
N ASP A 85 -18.53 -4.87 -1.35
CA ASP A 85 -18.99 -3.99 -0.25
C ASP A 85 -18.53 -2.53 -0.51
N PRO A 86 -19.10 -1.89 -1.55
CA PRO A 86 -18.70 -0.51 -1.91
C PRO A 86 -18.96 0.51 -0.79
N VAL A 87 -20.01 0.29 0.01
CA VAL A 87 -20.31 1.21 1.11
C VAL A 87 -19.24 1.20 2.20
N LEU A 88 -18.73 0.02 2.55
CA LEU A 88 -17.64 -0.02 3.54
C LEU A 88 -16.41 0.71 3.00
N ASP A 89 -16.07 0.41 1.76
CA ASP A 89 -14.91 1.04 1.13
C ASP A 89 -15.07 2.58 1.11
N PHE A 90 -16.24 3.04 0.73
CA PHE A 90 -16.56 4.48 0.75
C PHE A 90 -16.45 5.08 2.18
N GLU A 91 -17.11 4.45 3.15
CA GLU A 91 -17.10 4.96 4.53
C GLU A 91 -15.70 5.08 5.10
N VAL A 92 -14.87 4.06 4.86
CA VAL A 92 -13.51 4.08 5.40
C VAL A 92 -12.62 5.06 4.60
N ASN A 93 -12.59 4.90 3.28
CA ASN A 93 -11.63 5.63 2.45
C ASN A 93 -11.98 7.09 2.24
N LEU A 94 -13.27 7.38 2.08
CA LEU A 94 -13.69 8.77 1.88
C LEU A 94 -14.22 9.44 3.12
N LEU A 95 -15.24 8.86 3.75
CA LEU A 95 -15.80 9.49 4.96
C LEU A 95 -14.73 9.57 6.06
N GLY A 96 -14.04 8.45 6.31
CA GLY A 96 -12.96 8.44 7.31
C GLY A 96 -11.82 9.37 6.90
N GLY A 97 -11.50 9.34 5.61
CA GLY A 97 -10.48 10.23 5.06
C GLY A 97 -10.82 11.70 5.31
N LEU A 98 -12.07 12.07 5.06
CA LEU A 98 -12.52 13.44 5.27
C LEU A 98 -12.49 13.86 6.75
N ASN A 99 -12.90 12.97 7.66
CA ASN A 99 -12.76 13.27 9.09
C ASN A 99 -11.31 13.59 9.42
N LEU A 100 -10.39 12.85 8.80
CA LEU A 100 -8.97 13.09 9.04
C LEU A 100 -8.52 14.45 8.50
N LEU A 101 -8.97 14.80 7.29
CA LEU A 101 -8.61 16.09 6.68
C LEU A 101 -9.14 17.26 7.52
N GLU A 102 -10.35 17.09 8.06
CA GLU A 102 -10.93 18.12 8.89
C GLU A 102 -10.14 18.34 10.19
N ALA A 103 -9.66 17.25 10.79
CA ALA A 103 -8.79 17.33 11.98
C ALA A 103 -7.46 18.00 11.59
N CYS A 104 -6.95 17.67 10.40
CA CYS A 104 -5.70 18.31 9.94
C CYS A 104 -5.82 19.82 9.83
N ARG A 105 -6.95 20.31 9.28
CA ARG A 105 -7.21 21.75 9.19
C ARG A 105 -7.29 22.36 10.60
N GLN A 106 -8.07 21.71 11.46
CA GLN A 106 -8.29 22.23 12.82
C GLN A 106 -6.99 22.36 13.64
N TYR A 107 -6.10 21.40 13.46
CA TYR A 107 -4.85 21.32 14.21
C TYR A 107 -3.64 21.90 13.48
N GLY A 108 -3.86 22.49 12.31
CA GLY A 108 -2.79 23.11 11.52
C GLY A 108 -1.67 22.17 11.11
N VAL A 109 -2.04 20.92 10.83
CA VAL A 109 -1.08 19.92 10.36
C VAL A 109 -0.33 20.45 9.13
N GLU A 110 0.99 20.22 9.10
CA GLU A 110 1.88 20.78 8.07
C GLU A 110 1.91 19.97 6.76
N LYS A 111 1.61 18.68 6.83
CA LYS A 111 1.59 17.86 5.63
C LYS A 111 0.86 16.55 5.89
N LEU A 112 0.13 16.11 4.88
CA LEU A 112 -0.50 14.80 4.90
C LEU A 112 0.10 13.95 3.77
N VAL A 113 0.65 12.80 4.13
CA VAL A 113 1.23 11.89 3.13
C VAL A 113 0.25 10.72 2.97
N PHE A 114 -0.29 10.54 1.78
CA PHE A 114 -1.37 9.58 1.53
C PHE A 114 -0.86 8.33 0.83
N ALA A 115 -1.35 7.16 1.28
CA ALA A 115 -1.15 5.90 0.57
C ALA A 115 -2.20 5.74 -0.52
N SER A 116 -1.81 6.03 -1.76
CA SER A 116 -2.66 5.84 -2.92
C SER A 116 -2.23 4.57 -3.67
N THR A 117 -2.72 4.37 -4.88
CA THR A 117 -2.50 3.10 -5.58
C THR A 117 -2.25 3.33 -7.05
N GLY A 118 -1.12 2.89 -7.57
CA GLY A 118 -0.87 3.02 -9.01
C GLY A 118 -1.66 1.97 -9.79
N GLY A 119 -1.64 0.75 -9.28
CA GLY A 119 -2.34 -0.37 -9.93
C GLY A 119 -3.78 -0.08 -10.24
N ALA A 120 -4.51 0.48 -9.27
CA ALA A 120 -5.96 0.65 -9.37
C ALA A 120 -6.37 1.96 -10.05
N ILE A 121 -5.46 2.93 -10.07
CA ILE A 121 -5.77 4.25 -10.62
C ILE A 121 -5.50 4.39 -12.13
N TYR A 122 -4.42 3.80 -12.62
CA TYR A 122 -4.03 4.04 -14.01
C TYR A 122 -4.75 3.18 -15.04
N GLY A 123 -5.25 2.00 -14.65
CA GLY A 123 -5.84 1.08 -15.65
C GLY A 123 -4.75 0.38 -16.44
N GLU A 124 -5.12 -0.21 -17.59
CA GLU A 124 -4.17 -1.01 -18.38
C GLU A 124 -2.99 -0.19 -18.87
N VAL A 125 -1.80 -0.73 -18.67
CA VAL A 125 -0.59 -0.11 -19.15
C VAL A 125 -0.10 -0.89 -20.36
N PRO A 126 -0.08 -0.24 -21.54
CA PRO A 126 0.34 -0.96 -22.75
C PRO A 126 1.74 -1.54 -22.67
N GLU A 127 1.97 -2.62 -23.43
CA GLU A 127 3.30 -3.20 -23.56
C GLU A 127 4.35 -2.12 -23.86
N GLY A 128 5.51 -2.23 -23.20
CA GLY A 128 6.61 -1.30 -23.42
C GLY A 128 6.52 -0.01 -22.61
N GLU A 129 5.35 0.23 -22.03
CA GLU A 129 5.06 1.52 -21.42
C GLU A 129 5.03 1.43 -19.89
N ARG A 130 5.11 2.60 -19.25
CA ARG A 130 5.08 2.69 -17.79
C ARG A 130 4.22 3.88 -17.40
N ALA A 131 3.28 3.64 -16.48
CA ALA A 131 2.29 4.64 -16.10
C ALA A 131 2.98 5.83 -15.46
N GLU A 132 2.68 7.03 -15.96
CA GLU A 132 3.33 8.22 -15.45
C GLU A 132 2.31 9.08 -14.66
N GLU A 133 2.82 9.93 -13.76
CA GLU A 133 1.94 10.63 -12.80
C GLU A 133 0.96 11.62 -13.42
N THR A 134 1.15 11.97 -14.69
CA THR A 134 0.21 12.85 -15.38
C THR A 134 -0.91 12.09 -16.11
N TRP A 135 -0.81 10.76 -16.18
CA TRP A 135 -1.89 9.95 -16.76
C TRP A 135 -3.18 10.14 -15.97
N PRO A 136 -4.32 10.22 -16.68
CA PRO A 136 -5.61 10.42 -16.00
C PRO A 136 -6.08 9.16 -15.26
N PRO A 137 -6.67 9.32 -14.07
CA PRO A 137 -7.25 8.18 -13.34
C PRO A 137 -8.29 7.45 -14.21
N ARG A 138 -8.24 6.12 -14.18
CA ARG A 138 -9.23 5.31 -14.89
C ARG A 138 -9.75 4.23 -13.92
N PRO A 139 -10.43 4.66 -12.84
CA PRO A 139 -10.85 3.71 -11.80
C PRO A 139 -11.88 2.70 -12.35
N LYS A 140 -11.75 1.44 -11.95
CA LYS A 140 -12.69 0.41 -12.40
C LYS A 140 -13.51 -0.18 -11.25
N SER A 141 -12.98 -0.07 -10.03
CA SER A 141 -13.60 -0.65 -8.84
C SER A 141 -13.94 0.46 -7.84
N PRO A 142 -14.85 0.19 -6.90
CA PRO A 142 -15.11 1.15 -5.82
C PRO A 142 -13.85 1.57 -5.04
N TYR A 143 -12.92 0.65 -4.77
CA TYR A 143 -11.63 0.98 -4.14
C TYR A 143 -10.87 2.04 -4.96
N ALA A 144 -10.72 1.79 -6.26
CA ALA A 144 -10.10 2.76 -7.14
C ALA A 144 -10.80 4.12 -7.13
N ALA A 145 -12.14 4.12 -7.13
CA ALA A 145 -12.92 5.35 -7.10
C ALA A 145 -12.68 6.11 -5.80
N SER A 146 -12.70 5.40 -4.67
CA SER A 146 -12.49 6.10 -3.40
C SER A 146 -11.07 6.70 -3.28
N LYS A 147 -10.06 5.99 -3.79
CA LYS A 147 -8.67 6.49 -3.78
C LYS A 147 -8.50 7.69 -4.71
N ALA A 148 -9.05 7.59 -5.93
CA ALA A 148 -9.02 8.69 -6.92
C ALA A 148 -9.76 9.92 -6.37
N ALA A 149 -10.92 9.68 -5.77
CA ALA A 149 -11.72 10.75 -5.16
C ALA A 149 -10.96 11.41 -4.03
N PHE A 150 -10.31 10.61 -3.20
CA PHE A 150 -9.57 11.19 -2.07
C PHE A 150 -8.43 12.08 -2.55
N GLU A 151 -7.80 11.69 -3.65
CA GLU A 151 -6.76 12.52 -4.26
C GLU A 151 -7.32 13.87 -4.71
N HIS A 152 -8.55 13.87 -5.23
CA HIS A 152 -9.21 15.14 -5.60
C HIS A 152 -9.44 16.02 -4.37
N TYR A 153 -9.85 15.39 -3.29
CA TYR A 153 -10.01 16.12 -2.03
C TYR A 153 -8.70 16.68 -1.53
N LEU A 154 -7.61 15.91 -1.61
CA LEU A 154 -6.31 16.43 -1.20
C LEU A 154 -5.97 17.67 -2.03
N SER A 155 -6.16 17.57 -3.35
CA SER A 155 -5.87 18.69 -4.24
C SER A 155 -6.70 19.95 -3.88
N VAL A 156 -8.00 19.77 -3.68
CA VAL A 156 -8.87 20.90 -3.30
C VAL A 156 -8.60 21.45 -1.88
N TYR A 157 -8.27 20.57 -0.94
CA TYR A 157 -7.83 21.00 0.41
C TYR A 157 -6.51 21.79 0.36
N GLY A 158 -5.60 21.38 -0.51
CA GLY A 158 -4.37 22.14 -0.74
C GLY A 158 -4.66 23.51 -1.33
N GLN A 159 -5.54 23.56 -2.34
CA GLN A 159 -5.85 24.81 -3.07
C GLN A 159 -6.68 25.79 -2.25
N SER A 160 -7.60 25.26 -1.44
CA SER A 160 -8.57 26.06 -0.70
C SER A 160 -8.03 26.44 0.68
N TYR A 161 -7.37 25.49 1.34
CA TYR A 161 -7.04 25.65 2.74
C TYR A 161 -5.53 25.65 3.02
N GLY A 162 -4.72 25.36 2.02
CA GLY A 162 -3.27 25.37 2.18
C GLY A 162 -2.68 24.14 2.87
N LEU A 163 -3.44 23.04 2.90
CA LEU A 163 -2.90 21.82 3.48
C LEU A 163 -1.91 21.25 2.46
N LYS A 164 -0.65 21.09 2.84
CA LYS A 164 0.32 20.47 1.93
C LYS A 164 0.12 18.96 1.93
N TRP A 165 0.31 18.34 0.78
CA TRP A 165 0.00 16.93 0.65
C TRP A 165 0.89 16.25 -0.37
N VAL A 166 1.03 14.95 -0.20
CA VAL A 166 1.66 14.11 -1.18
C VAL A 166 0.82 12.83 -1.31
N SER A 167 0.60 12.42 -2.54
CA SER A 167 -0.06 11.14 -2.82
C SER A 167 0.95 10.17 -3.41
N LEU A 168 1.26 9.12 -2.65
CA LEU A 168 2.19 8.08 -3.11
C LEU A 168 1.39 6.95 -3.72
N ARG A 169 1.52 6.80 -5.03
CA ARG A 169 0.81 5.76 -5.76
C ARG A 169 1.64 4.46 -5.75
N TYR A 170 1.41 3.64 -4.73
CA TYR A 170 2.22 2.44 -4.54
C TYR A 170 1.94 1.43 -5.63
N GLY A 171 2.96 0.67 -6.02
CA GLY A 171 2.79 -0.49 -6.88
C GLY A 171 2.22 -1.62 -6.03
N ASN A 172 2.59 -2.85 -6.38
CA ASN A 172 2.18 -4.03 -5.62
C ASN A 172 3.16 -4.29 -4.52
N VAL A 173 2.79 -3.90 -3.31
CA VAL A 173 3.70 -3.87 -2.18
C VAL A 173 3.66 -5.22 -1.47
N TYR A 174 4.83 -5.83 -1.31
CA TYR A 174 4.90 -7.17 -0.72
C TYR A 174 5.96 -7.17 0.38
N GLY A 175 5.90 -8.13 1.28
CA GLY A 175 6.96 -8.30 2.27
C GLY A 175 6.45 -8.87 3.57
N PRO A 176 7.34 -8.99 4.57
CA PRO A 176 6.98 -9.51 5.90
C PRO A 176 5.80 -8.76 6.50
N ARG A 177 4.90 -9.51 7.13
CA ARG A 177 3.69 -8.98 7.79
C ARG A 177 2.50 -8.70 6.88
N GLN A 178 2.63 -8.94 5.58
CA GLN A 178 1.49 -8.72 4.69
C GLN A 178 0.47 -9.82 4.87
N ASP A 179 -0.79 -9.51 4.58
CA ASP A 179 -1.86 -10.52 4.52
C ASP A 179 -2.12 -10.90 3.06
N PRO A 180 -3.06 -11.84 2.80
CA PRO A 180 -3.32 -12.18 1.40
C PRO A 180 -4.34 -11.28 0.68
N HIS A 181 -4.74 -10.16 1.30
CA HIS A 181 -5.90 -9.39 0.79
C HIS A 181 -5.57 -8.13 -0.02
N GLY A 182 -4.36 -7.60 0.14
CA GLY A 182 -3.95 -6.36 -0.55
C GLY A 182 -3.55 -6.59 -2.00
N GLU A 183 -3.07 -5.54 -2.66
CA GLU A 183 -2.87 -5.63 -4.10
C GLU A 183 -1.79 -6.64 -4.50
N ALA A 184 -0.85 -6.92 -3.59
CA ALA A 184 0.16 -7.97 -3.82
C ALA A 184 -0.09 -9.17 -2.88
N GLY A 185 -1.35 -9.39 -2.53
CA GLY A 185 -1.74 -10.53 -1.72
C GLY A 185 -1.25 -11.87 -2.24
N VAL A 186 -1.12 -12.00 -3.57
CA VAL A 186 -0.63 -13.24 -4.21
C VAL A 186 0.70 -13.75 -3.63
N VAL A 187 1.55 -12.82 -3.20
CA VAL A 187 2.85 -13.19 -2.62
C VAL A 187 2.66 -13.99 -1.33
N ALA A 188 1.75 -13.54 -0.46
CA ALA A 188 1.39 -14.27 0.77
C ALA A 188 0.66 -15.58 0.47
N ILE A 189 -0.24 -15.56 -0.51
CA ILE A 189 -0.97 -16.77 -0.91
C ILE A 189 0.02 -17.86 -1.37
N PHE A 190 0.91 -17.49 -2.30
CA PHE A 190 1.94 -18.41 -2.81
C PHE A 190 2.90 -18.89 -1.73
N ALA A 191 3.38 -17.95 -0.90
CA ALA A 191 4.33 -18.28 0.18
C ALA A 191 3.76 -19.31 1.14
N GLU A 192 2.55 -19.06 1.64
CA GLU A 192 1.89 -19.96 2.58
C GLU A 192 1.62 -21.34 1.99
N ARG A 193 1.11 -21.37 0.76
CA ARG A 193 0.70 -22.61 0.10
C ARG A 193 1.88 -23.44 -0.39
N VAL A 194 2.91 -22.78 -0.92
CA VAL A 194 4.14 -23.48 -1.33
C VAL A 194 4.83 -24.10 -0.10
N LEU A 195 4.92 -23.34 0.98
CA LEU A 195 5.50 -23.87 2.23
C LEU A 195 4.72 -25.07 2.79
N LYS A 196 3.39 -25.03 2.67
CA LYS A 196 2.54 -26.12 3.15
C LYS A 196 2.43 -27.30 2.20
N GLY A 197 2.92 -27.13 0.97
CA GLY A 197 2.84 -28.19 -0.03
C GLY A 197 1.46 -28.32 -0.65
N LEU A 198 0.69 -27.24 -0.61
CA LEU A 198 -0.65 -27.19 -1.24
C LEU A 198 -0.54 -26.75 -2.71
N PRO A 199 -1.45 -27.27 -3.57
CA PRO A 199 -1.45 -26.83 -4.97
C PRO A 199 -1.74 -25.32 -5.07
N VAL A 200 -1.06 -24.65 -6.00
CA VAL A 200 -1.36 -23.23 -6.22
C VAL A 200 -2.06 -23.01 -7.55
N THR A 201 -2.98 -22.05 -7.57
CA THR A 201 -3.69 -21.69 -8.78
C THR A 201 -2.97 -20.54 -9.47
N LEU A 202 -2.59 -20.80 -10.71
CA LEU A 202 -1.95 -19.81 -11.55
C LEU A 202 -2.98 -19.32 -12.55
N TYR A 203 -3.54 -18.14 -12.29
CA TYR A 203 -4.50 -17.52 -13.19
C TYR A 203 -3.81 -16.97 -14.44
N ALA A 204 -4.36 -17.31 -15.59
CA ALA A 204 -3.86 -16.83 -16.87
C ALA A 204 -4.01 -15.32 -17.01
N ARG A 205 -3.11 -14.74 -17.78
CA ARG A 205 -3.30 -13.39 -18.29
C ARG A 205 -4.36 -13.41 -19.40
N LYS A 206 -4.21 -14.31 -20.36
CA LYS A 206 -5.19 -14.50 -21.45
C LYS A 206 -5.51 -15.97 -21.72
N THR A 207 -4.50 -16.83 -21.71
CA THR A 207 -4.66 -18.26 -21.98
C THR A 207 -4.16 -19.11 -20.81
N PRO A 208 -5.01 -20.02 -20.29
CA PRO A 208 -4.53 -20.91 -19.23
C PRO A 208 -3.17 -21.50 -19.62
N GLY A 209 -2.22 -21.44 -18.69
CA GLY A 209 -0.86 -21.91 -18.96
C GLY A 209 0.15 -20.84 -19.33
N ASP A 210 -0.32 -19.64 -19.73
CA ASP A 210 0.59 -18.52 -20.03
C ASP A 210 1.28 -18.02 -18.76
N GLU A 211 2.08 -16.95 -18.89
CA GLU A 211 2.90 -16.44 -17.78
C GLU A 211 2.11 -15.75 -16.65
N GLY A 212 0.87 -15.38 -16.95
CA GLY A 212 0.04 -14.67 -15.97
C GLY A 212 0.23 -13.16 -16.06
N CYS A 213 -0.51 -12.44 -15.22
CA CYS A 213 -0.56 -10.99 -15.25
C CYS A 213 0.75 -10.36 -14.84
N VAL A 214 0.98 -9.11 -15.26
CA VAL A 214 2.22 -8.39 -14.97
C VAL A 214 1.92 -7.25 -13.98
N ARG A 215 2.72 -7.17 -12.94
CA ARG A 215 2.59 -6.10 -11.93
C ARG A 215 3.96 -5.56 -11.57
N ASP A 216 3.97 -4.37 -10.98
CA ASP A 216 5.20 -3.73 -10.47
C ASP A 216 5.28 -4.04 -8.98
N TYR A 217 6.00 -5.11 -8.64
CA TYR A 217 6.21 -5.53 -7.26
C TYR A 217 7.31 -4.70 -6.65
N VAL A 218 6.98 -4.05 -5.54
CA VAL A 218 7.92 -3.21 -4.80
C VAL A 218 7.99 -3.68 -3.34
N TYR A 219 9.19 -3.83 -2.81
CA TYR A 219 9.38 -4.35 -1.46
C TYR A 219 8.97 -3.33 -0.40
N VAL A 220 8.28 -3.77 0.65
CA VAL A 220 7.72 -2.86 1.66
C VAL A 220 8.78 -1.96 2.33
N GLY A 221 10.00 -2.47 2.51
CA GLY A 221 11.07 -1.67 3.11
C GLY A 221 11.42 -0.47 2.21
N ASP A 222 11.43 -0.71 0.90
CA ASP A 222 11.66 0.37 -0.08
C ASP A 222 10.49 1.38 -0.13
N VAL A 223 9.26 0.90 0.06
CA VAL A 223 8.12 1.81 0.20
C VAL A 223 8.26 2.71 1.45
N ALA A 224 8.72 2.14 2.58
CA ALA A 224 8.89 2.92 3.80
C ALA A 224 9.94 4.04 3.61
N GLU A 225 11.01 3.73 2.89
CA GLU A 225 12.04 4.73 2.55
C GLU A 225 11.51 5.87 1.67
N ALA A 226 10.69 5.52 0.67
CA ALA A 226 10.05 6.52 -0.20
C ALA A 226 9.10 7.39 0.61
N HIS A 227 8.40 6.75 1.53
CA HIS A 227 7.50 7.49 2.43
C HIS A 227 8.23 8.54 3.27
N ALA A 228 9.39 8.18 3.84
CA ALA A 228 10.19 9.15 4.62
C ALA A 228 10.63 10.33 3.75
N LEU A 229 11.13 10.03 2.56
CA LEU A 229 11.50 11.08 1.60
C LEU A 229 10.32 12.02 1.30
N ALA A 230 9.16 11.41 1.05
CA ALA A 230 7.95 12.18 0.77
C ALA A 230 7.57 13.08 1.94
N LEU A 231 7.60 12.52 3.14
CA LEU A 231 7.28 13.25 4.34
C LEU A 231 8.18 14.48 4.50
N PHE A 232 9.48 14.27 4.36
CA PHE A 232 10.46 15.34 4.59
C PHE A 232 10.46 16.42 3.50
N SER A 233 10.19 16.06 2.25
CA SER A 233 10.57 16.95 1.15
C SER A 233 9.67 17.05 -0.07
N LEU A 234 8.64 16.21 -0.17
CA LEU A 234 7.84 16.19 -1.41
C LEU A 234 6.44 16.72 -1.28
N GLU A 235 5.87 17.14 -2.40
CA GLU A 235 4.46 17.53 -2.52
C GLU A 235 3.96 17.07 -3.87
N GLY A 236 2.67 16.73 -3.94
CA GLY A 236 2.05 16.28 -5.19
C GLY A 236 2.04 14.77 -5.34
N ILE A 237 1.94 14.31 -6.59
CA ILE A 237 1.75 12.89 -6.89
C ILE A 237 3.07 12.22 -7.30
N TYR A 238 3.39 11.10 -6.64
CA TYR A 238 4.58 10.30 -6.94
C TYR A 238 4.25 8.81 -6.97
N ASN A 239 4.62 8.15 -8.07
CA ASN A 239 4.58 6.69 -8.11
C ASN A 239 5.64 6.10 -7.20
N VAL A 240 5.31 4.99 -6.55
CA VAL A 240 6.30 4.25 -5.77
C VAL A 240 6.29 2.81 -6.35
N GLY A 241 7.11 2.61 -7.37
CA GLY A 241 7.23 1.32 -8.02
C GLY A 241 8.66 1.18 -8.49
N THR A 242 9.02 -0.02 -8.94
CA THR A 242 10.39 -0.30 -9.35
C THR A 242 10.58 0.09 -10.80
N GLY A 243 9.48 0.24 -11.53
CA GLY A 243 9.55 0.48 -12.98
C GLY A 243 9.86 -0.75 -13.83
N GLU A 244 9.85 -1.93 -13.22
CA GLU A 244 9.99 -3.20 -13.95
C GLU A 244 8.81 -4.10 -13.57
N GLY A 245 8.25 -4.81 -14.54
CA GLY A 245 7.14 -5.75 -14.27
C GLY A 245 7.62 -7.16 -13.98
N HIS A 246 6.83 -7.92 -13.21
CA HIS A 246 7.07 -9.36 -13.07
C HIS A 246 5.73 -10.07 -13.30
N THR A 247 5.78 -11.26 -13.90
CA THR A 247 4.58 -12.03 -14.20
C THR A 247 4.27 -12.86 -12.97
N THR A 248 3.05 -13.39 -12.90
CA THR A 248 2.68 -14.23 -11.77
C THR A 248 3.58 -15.48 -11.70
N ARG A 249 3.89 -16.03 -12.86
CA ARG A 249 4.81 -17.19 -12.94
C ARG A 249 6.17 -16.87 -12.31
N GLU A 250 6.71 -15.69 -12.60
CA GLU A 250 7.96 -15.22 -11.99
C GLU A 250 7.89 -15.10 -10.47
N VAL A 251 6.74 -14.64 -9.96
CA VAL A 251 6.54 -14.59 -8.52
C VAL A 251 6.57 -16.01 -7.94
N LEU A 252 5.83 -16.91 -8.57
CA LEU A 252 5.78 -18.30 -8.11
C LEU A 252 7.17 -18.95 -8.12
N MET A 253 7.91 -18.76 -9.21
CA MET A 253 9.29 -19.28 -9.30
C MET A 253 10.19 -18.74 -8.17
N ALA A 254 10.08 -17.46 -7.85
CA ALA A 254 10.86 -16.86 -6.77
C ALA A 254 10.46 -17.40 -5.40
N VAL A 255 9.16 -17.65 -5.22
CA VAL A 255 8.68 -18.19 -3.96
C VAL A 255 9.15 -19.64 -3.79
N ALA A 256 9.03 -20.42 -4.86
CA ALA A 256 9.51 -21.81 -4.90
C ALA A 256 11.02 -21.88 -4.61
N GLU A 257 11.80 -21.01 -5.25
CA GLU A 257 13.25 -20.94 -5.04
C GLU A 257 13.53 -20.70 -3.56
N ALA A 258 12.92 -19.66 -3.00
CA ALA A 258 13.14 -19.29 -1.60
C ALA A 258 12.66 -20.36 -0.63
N ALA A 259 11.56 -21.04 -0.96
CA ALA A 259 11.03 -22.09 -0.10
C ALA A 259 11.83 -23.38 -0.30
N GLY A 260 12.55 -23.48 -1.42
CA GLY A 260 13.24 -24.71 -1.79
C GLY A 260 12.29 -25.88 -1.99
N LYS A 261 11.16 -25.60 -2.64
CA LYS A 261 10.14 -26.62 -2.90
C LYS A 261 9.63 -26.52 -4.34
N ALA A 262 9.12 -27.64 -4.86
CA ALA A 262 8.62 -27.70 -6.23
C ALA A 262 7.10 -27.75 -6.22
N PRO A 263 6.44 -26.59 -6.32
CA PRO A 263 5.02 -26.57 -6.04
C PRO A 263 4.19 -27.19 -7.17
N GLU A 264 3.00 -27.66 -6.83
CA GLU A 264 2.07 -28.17 -7.81
C GLU A 264 1.24 -27.02 -8.35
N VAL A 265 1.43 -26.71 -9.63
CA VAL A 265 0.79 -25.56 -10.26
C VAL A 265 -0.45 -26.01 -11.02
N GLN A 266 -1.57 -25.37 -10.75
CA GLN A 266 -2.80 -25.65 -11.49
C GLN A 266 -3.24 -24.39 -12.25
N PRO A 267 -3.16 -24.42 -13.59
CA PRO A 267 -3.60 -23.25 -14.37
C PRO A 267 -5.11 -23.05 -14.34
N ALA A 268 -5.53 -21.79 -14.34
CA ALA A 268 -6.93 -21.42 -14.45
C ALA A 268 -7.08 -20.30 -15.49
N PRO A 269 -8.28 -20.15 -16.08
CA PRO A 269 -8.58 -19.00 -16.93
C PRO A 269 -8.39 -17.65 -16.20
N PRO A 270 -8.29 -16.54 -16.96
CA PRO A 270 -8.08 -15.21 -16.36
C PRO A 270 -9.15 -14.90 -15.32
N ARG A 271 -8.78 -14.23 -14.22
CA ARG A 271 -9.82 -13.76 -13.31
C ARG A 271 -10.52 -12.55 -13.92
N PRO A 272 -11.87 -12.54 -13.91
CA PRO A 272 -12.60 -11.50 -14.62
C PRO A 272 -12.30 -10.10 -14.05
N GLY A 273 -12.13 -9.13 -14.94
CA GLY A 273 -11.86 -7.75 -14.54
C GLY A 273 -10.58 -7.55 -13.75
N ASP A 274 -9.54 -8.29 -14.13
CA ASP A 274 -8.18 -8.11 -13.61
C ASP A 274 -7.38 -7.46 -14.74
N LEU A 275 -6.45 -6.56 -14.41
CA LEU A 275 -5.58 -5.96 -15.42
C LEU A 275 -4.57 -6.96 -15.93
N GLU A 276 -4.32 -6.94 -17.24
CA GLU A 276 -3.26 -7.76 -17.81
C GLU A 276 -1.88 -7.26 -17.37
N ARG A 277 -1.68 -5.94 -17.41
CA ARG A 277 -0.37 -5.35 -17.15
C ARG A 277 -0.44 -3.98 -16.47
N SER A 278 0.35 -3.83 -15.41
CA SER A 278 0.56 -2.53 -14.76
C SER A 278 2.03 -2.44 -14.38
N VAL A 279 2.72 -1.44 -14.93
CA VAL A 279 4.10 -1.13 -14.54
C VAL A 279 4.13 0.39 -14.37
N LEU A 280 4.76 0.85 -13.28
CA LEU A 280 4.77 2.29 -12.98
C LEU A 280 6.06 2.94 -13.42
N SER A 281 5.97 4.18 -13.89
CA SER A 281 7.17 4.97 -14.15
C SER A 281 7.74 5.48 -12.82
N PRO A 282 8.99 5.11 -12.49
CA PRO A 282 9.58 5.51 -11.22
C PRO A 282 10.42 6.80 -11.34
N LEU A 283 10.41 7.46 -12.50
CA LEU A 283 11.38 8.51 -12.79
C LEU A 283 11.26 9.71 -11.89
N LYS A 284 10.01 10.11 -11.63
CA LYS A 284 9.75 11.32 -10.85
C LYS A 284 10.31 11.19 -9.43
N LEU A 285 10.03 10.06 -8.78
CA LEU A 285 10.57 9.80 -7.45
C LEU A 285 12.09 9.56 -7.44
N MET A 286 12.60 8.85 -8.45
CA MET A 286 14.02 8.51 -8.50
C MET A 286 14.90 9.77 -8.70
N ALA A 287 14.34 10.82 -9.30
CA ALA A 287 15.06 12.10 -9.45
C ALA A 287 15.37 12.77 -8.10
N HIS A 288 14.66 12.35 -7.05
CA HIS A 288 14.91 12.82 -5.69
C HIS A 288 15.75 11.86 -4.86
N GLY A 289 16.37 10.89 -5.52
CA GLY A 289 17.36 10.05 -4.87
C GLY A 289 16.90 8.69 -4.40
N TRP A 290 15.62 8.38 -4.57
CA TRP A 290 15.08 7.11 -4.08
C TRP A 290 15.41 6.00 -5.09
N ARG A 291 15.76 4.82 -4.59
CA ARG A 291 15.87 3.64 -5.44
C ARG A 291 15.53 2.45 -4.56
N PRO A 292 14.95 1.39 -5.16
CA PRO A 292 14.78 0.17 -4.38
C PRO A 292 16.14 -0.39 -3.94
N LYS A 293 16.27 -0.69 -2.66
CA LYS A 293 17.50 -1.27 -2.13
C LYS A 293 17.44 -2.80 -2.14
N VAL A 294 16.22 -3.33 -2.20
CA VAL A 294 15.99 -4.76 -2.11
C VAL A 294 15.47 -5.24 -3.45
N GLY A 295 16.22 -6.11 -4.10
CA GLY A 295 15.80 -6.68 -5.40
C GLY A 295 14.67 -7.69 -5.23
N PHE A 296 14.01 -8.04 -6.33
CA PHE A 296 12.85 -8.95 -6.32
C PHE A 296 13.14 -10.34 -5.69
N GLN A 297 14.18 -11.03 -6.15
CA GLN A 297 14.54 -12.32 -5.51
C GLN A 297 14.82 -12.19 -4.01
N GLU A 298 15.60 -11.18 -3.63
CA GLU A 298 15.92 -10.94 -2.22
C GLU A 298 14.67 -10.63 -1.40
N GLY A 299 13.81 -9.75 -1.94
CA GLY A 299 12.56 -9.40 -1.26
C GLY A 299 11.65 -10.59 -1.06
N ILE A 300 11.51 -11.40 -2.10
CA ILE A 300 10.69 -12.63 -2.03
C ILE A 300 11.28 -13.59 -0.98
N ARG A 301 12.61 -13.76 -0.99
CA ARG A 301 13.29 -14.54 0.05
C ARG A 301 12.97 -14.06 1.46
N LEU A 302 13.02 -12.75 1.68
CA LEU A 302 12.73 -12.17 3.00
C LEU A 302 11.27 -12.40 3.41
N THR A 303 10.36 -12.34 2.43
CA THR A 303 8.93 -12.56 2.68
C THR A 303 8.66 -14.03 3.07
N VAL A 304 9.23 -14.95 2.30
CA VAL A 304 9.09 -16.39 2.54
C VAL A 304 9.62 -16.77 3.93
N ASP A 305 10.80 -16.26 4.29
CA ASP A 305 11.36 -16.45 5.64
C ASP A 305 10.42 -16.03 6.77
N HIS A 306 9.69 -14.94 6.56
CA HIS A 306 8.75 -14.46 7.55
C HIS A 306 7.59 -15.43 7.73
N PHE A 307 7.09 -15.97 6.62
CA PHE A 307 6.03 -16.97 6.67
C PHE A 307 6.50 -18.32 7.22
N ARG A 308 7.76 -18.64 6.99
CA ARG A 308 8.37 -19.85 7.55
C ARG A 308 8.53 -19.73 9.06
N GLY A 309 8.77 -18.50 9.53
CA GLY A 309 9.16 -18.23 10.91
C GLY A 309 8.06 -18.11 11.97
N ALA A 310 6.82 -18.39 11.58
CA ALA A 310 5.72 -18.47 12.55
C ALA A 310 5.73 -19.84 13.24
N VAL A 311 5.02 -19.95 14.36
CA VAL A 311 4.88 -21.22 15.09
C VAL A 311 3.42 -21.67 15.12
PA NAD B . -3.46 -3.17 5.82
O1A NAD B . -4.85 -3.68 5.89
O2A NAD B . -2.46 -4.03 6.47
O5B NAD B . -3.33 -1.72 6.54
C5B NAD B . -4.42 -0.83 6.67
C4B NAD B . -4.59 -0.48 8.15
O4B NAD B . -5.68 0.41 8.31
C3B NAD B . -4.87 -1.73 8.99
O3B NAD B . -4.00 -1.82 10.10
C2B NAD B . -6.28 -1.52 9.46
O2B NAD B . -6.53 -2.14 10.70
C1B NAD B . -6.42 0.00 9.45
N9A NAD B . -7.81 0.43 9.22
C8A NAD B . -8.70 -0.05 8.31
N7A NAD B . -9.84 0.67 8.41
C5A NAD B . -9.68 1.58 9.39
C6A NAD B . -10.53 2.55 9.92
N6A NAD B . -11.79 2.67 9.48
N1A NAD B . -10.05 3.37 10.93
C2A NAD B . -8.77 3.22 11.43
N3A NAD B . -7.94 2.25 10.89
C4A NAD B . -8.41 1.46 9.90
O3 NAD B . -3.11 -2.93 4.28
PN NAD B . -1.73 -2.37 3.65
O1N NAD B . -1.44 -3.27 2.52
O2N NAD B . -0.74 -2.13 4.71
O5D NAD B . -2.17 -0.97 3.00
C5D NAD B . -1.81 0.28 3.57
C4D NAD B . -2.20 1.40 2.61
O4D NAD B . -1.53 1.22 1.38
C3D NAD B . -3.69 1.35 2.27
O3D NAD B . -4.18 2.68 2.13
C2D NAD B . -3.73 0.66 0.93
O2D NAD B . -4.89 1.00 0.19
C1D NAD B . -2.43 1.18 0.31
N1N NAD B . -1.91 0.33 -0.78
C2N NAD B . -1.51 -0.97 -0.56
C3N NAD B . -1.01 -1.74 -1.63
C7N NAD B . -0.49 -3.14 -1.39
O7N NAD B . -0.49 -3.70 -0.09
N7N NAD B . -0.03 -3.82 -2.41
C4N NAD B . -0.91 -1.17 -2.89
C5N NAD B . -1.32 0.15 -3.10
C6N NAD B . -1.81 0.89 -2.04
#